data_4R7R
#
_entry.id   4R7R
#
_cell.length_a   58.743
_cell.length_b   58.743
_cell.length_c   85.984
_cell.angle_alpha   90.00
_cell.angle_beta   90.00
_cell.angle_gamma   120.00
#
_symmetry.space_group_name_H-M   'P 32 2 1'
#
loop_
_entity.id
_entity.type
_entity.pdbx_description
1 polymer 'Putative lipoprotein'
2 non-polymer GLYCEROL
3 water water
#
_entity_poly.entity_id   1
_entity_poly.type   'polypeptide(L)'
_entity_poly.pdbx_seq_one_letter_code
;SNAKPSLNYHTKNLSELVSKNNIKIRLLD(MSE)NIYSEVIVDNEDVRIIDDLLKSLKDSNFINEEALPNKPLYKIFIDL
NSEKYVIDIYGDDLITLYPWDSDVRKDYLSLKDIPNSFKLEPFCQYVFNKKQ
;
_entity_poly.pdbx_strand_id   A
#
loop_
_chem_comp.id
_chem_comp.type
_chem_comp.name
_chem_comp.formula
GOL non-polymer GLYCEROL 'C3 H8 O3'
#
# COMPACT_ATOMS: atom_id res chain seq x y z
N ALA A 3 9.95 12.00 -19.87
CA ALA A 3 11.38 11.85 -20.12
C ALA A 3 11.90 10.50 -19.64
N LYS A 4 11.42 10.05 -18.48
CA LYS A 4 11.89 8.79 -17.90
C LYS A 4 10.76 7.81 -17.66
N PRO A 5 11.08 6.50 -17.64
CA PRO A 5 10.13 5.49 -17.19
C PRO A 5 9.67 5.79 -15.77
N SER A 6 8.36 5.98 -15.62
CA SER A 6 7.79 6.43 -14.36
C SER A 6 7.99 5.43 -13.23
N LEU A 7 8.30 5.97 -12.06
CA LEU A 7 8.43 5.15 -10.86
C LEU A 7 7.09 5.03 -10.17
N ASN A 8 6.12 5.84 -10.59
CA ASN A 8 4.81 5.85 -9.95
C ASN A 8 3.66 5.31 -10.80
N TYR A 9 3.98 4.55 -11.83
CA TYR A 9 2.99 4.03 -12.78
C TYR A 9 1.74 3.46 -12.10
N HIS A 10 1.92 2.52 -11.18
CA HIS A 10 0.77 1.79 -10.65
C HIS A 10 -0.01 2.60 -9.65
N THR A 11 0.68 3.51 -8.96
CA THR A 11 0.03 4.35 -7.95
C THR A 11 -0.90 5.38 -8.59
N LYS A 12 -0.46 5.94 -9.71
CA LYS A 12 -1.28 6.85 -10.49
C LYS A 12 -2.57 6.17 -10.95
N ASN A 13 -2.46 4.91 -11.36
CA ASN A 13 -3.64 4.17 -11.79
C ASN A 13 -4.57 3.85 -10.64
N LEU A 14 -4.00 3.49 -9.50
CA LEU A 14 -4.81 3.21 -8.34
C LEU A 14 -5.50 4.49 -7.90
N SER A 15 -4.72 5.57 -7.88
CA SER A 15 -5.18 6.89 -7.45
C SER A 15 -6.39 7.35 -8.25
N GLU A 16 -6.39 7.10 -9.55
CA GLU A 16 -7.54 7.39 -10.41
C GLU A 16 -8.74 6.52 -10.07
N LEU A 17 -8.47 5.27 -9.71
CA LEU A 17 -9.54 4.34 -9.36
C LEU A 17 -10.16 4.62 -7.98
N VAL A 18 -9.35 4.99 -6.98
CA VAL A 18 -9.86 5.26 -5.62
C VAL A 18 -10.73 6.54 -5.59
N SER A 19 -10.84 7.20 -6.75
CA SER A 19 -11.69 8.37 -6.90
C SER A 19 -13.13 7.98 -7.22
N ASN A 22 -15.12 3.90 -3.93
CA ASN A 22 -15.61 2.88 -3.02
C ASN A 22 -14.67 1.69 -2.95
N ILE A 23 -13.91 1.59 -1.86
CA ILE A 23 -12.98 0.48 -1.70
C ILE A 23 -13.23 -0.34 -0.43
N LYS A 24 -12.86 -1.61 -0.51
CA LYS A 24 -12.78 -2.47 0.67
C LYS A 24 -11.33 -2.85 0.86
N ILE A 25 -10.91 -2.98 2.12
CA ILE A 25 -9.52 -3.34 2.38
C ILE A 25 -9.44 -4.60 3.21
N ARG A 26 -8.51 -5.48 2.82
CA ARG A 26 -8.22 -6.67 3.58
C ARG A 26 -6.78 -6.63 4.00
N LEU A 27 -6.53 -6.87 5.28
CA LEU A 27 -5.18 -6.95 5.80
C LEU A 27 -4.80 -8.41 6.07
N LEU A 28 -3.60 -8.79 5.63
CA LEU A 28 -3.05 -10.11 5.92
C LEU A 28 -1.74 -9.99 6.72
N ASP A 29 -1.70 -10.63 7.90
CA ASP A 29 -0.48 -10.73 8.70
C ASP A 29 0.45 -11.80 8.09
N MSE A 30 1.64 -11.41 7.66
CA MSE A 30 2.53 -12.34 6.95
C MSE A 30 3.31 -13.27 7.88
O MSE A 30 4.06 -14.13 7.42
CB MSE A 30 3.51 -11.57 6.06
CG MSE A 30 2.87 -10.96 4.83
SE MSE A 30 1.74 -12.23 3.88
CE MSE A 30 3.12 -12.99 2.72
N ASN A 31 3.13 -13.13 9.18
CA ASN A 31 3.81 -13.98 10.14
C ASN A 31 2.89 -15.13 10.60
N ILE A 32 1.59 -14.86 10.65
CA ILE A 32 0.58 -15.76 11.19
C ILE A 32 -0.41 -16.20 10.10
N TYR A 33 -0.50 -15.36 9.07
CA TYR A 33 -1.37 -15.58 7.91
C TYR A 33 -2.85 -15.54 8.33
N SER A 34 -3.09 -14.72 9.34
CA SER A 34 -4.44 -14.33 9.73
C SER A 34 -4.88 -13.08 8.97
N GLU A 35 -6.17 -13.01 8.68
CA GLU A 35 -6.73 -11.98 7.81
C GLU A 35 -7.77 -11.12 8.55
N VAL A 36 -7.80 -9.81 8.31
CA VAL A 36 -8.85 -8.95 8.89
C VAL A 36 -9.46 -7.99 7.88
N ILE A 37 -10.71 -7.61 8.10
CA ILE A 37 -11.37 -6.59 7.29
C ILE A 37 -11.19 -5.21 7.90
N VAL A 38 -10.77 -4.24 7.10
CA VAL A 38 -10.67 -2.89 7.61
C VAL A 38 -12.06 -2.26 7.78
N ASP A 39 -12.33 -1.72 8.96
CA ASP A 39 -13.60 -1.06 9.23
C ASP A 39 -13.86 0.12 8.31
N ASN A 40 -15.14 0.41 8.07
CA ASN A 40 -15.56 1.52 7.23
C ASN A 40 -14.89 2.85 7.61
N GLU A 41 -14.80 3.10 8.92
CA GLU A 41 -14.25 4.33 9.46
C GLU A 41 -12.75 4.53 9.18
N ASP A 42 -12.02 3.44 9.00
CA ASP A 42 -10.57 3.49 8.84
C ASP A 42 -10.14 3.44 7.39
N VAL A 43 -11.05 3.05 6.51
CA VAL A 43 -10.73 2.77 5.13
C VAL A 43 -10.17 4.00 4.39
N ARG A 44 -10.43 5.20 4.93
CA ARG A 44 -10.00 6.44 4.29
C ARG A 44 -8.48 6.58 4.24
N ILE A 45 -7.79 5.65 4.89
CA ILE A 45 -6.33 5.62 4.95
C ILE A 45 -5.70 5.67 3.57
N ILE A 46 -6.31 5.00 2.60
CA ILE A 46 -5.68 4.91 1.27
C ILE A 46 -5.77 6.23 0.56
N ASP A 47 -6.95 6.82 0.54
CA ASP A 47 -7.12 8.13 -0.04
C ASP A 47 -6.20 9.21 0.58
N ASP A 48 -6.08 9.18 1.90
CA ASP A 48 -5.31 10.16 2.65
C ASP A 48 -3.83 9.96 2.34
N LEU A 49 -3.44 8.69 2.20
CA LEU A 49 -2.07 8.34 1.89
C LEU A 49 -1.70 8.83 0.49
N LEU A 50 -2.54 8.50 -0.49
CA LEU A 50 -2.25 8.80 -1.89
C LEU A 50 -2.20 10.31 -2.12
N LYS A 51 -3.08 11.04 -1.44
CA LYS A 51 -3.13 12.48 -1.60
C LYS A 51 -1.91 13.14 -0.97
N SER A 52 -1.28 12.44 -0.03
CA SER A 52 -0.14 13.00 0.70
C SER A 52 1.19 12.70 -0.02
N LEU A 53 1.17 11.76 -0.96
CA LEU A 53 2.40 11.37 -1.66
C LEU A 53 2.96 12.49 -2.54
N LYS A 54 4.24 12.80 -2.32
CA LYS A 54 4.98 13.63 -3.24
C LYS A 54 5.79 12.72 -4.15
N ASP A 55 6.29 13.28 -5.24
CA ASP A 55 7.03 12.50 -6.24
C ASP A 55 8.34 11.89 -5.71
N SER A 56 8.94 12.54 -4.73
CA SER A 56 10.18 12.04 -4.15
C SER A 56 9.96 10.79 -3.28
N ASN A 57 8.71 10.45 -3.02
CA ASN A 57 8.37 9.23 -2.30
C ASN A 57 8.58 7.99 -3.14
N PHE A 58 8.60 8.16 -4.46
CA PHE A 58 8.73 7.03 -5.38
C PHE A 58 10.19 6.73 -5.66
N ILE A 59 10.62 5.53 -5.32
CA ILE A 59 12.02 5.16 -5.51
C ILE A 59 12.17 4.00 -6.51
N ASN A 60 13.41 3.68 -6.85
CA ASN A 60 13.71 2.60 -7.78
C ASN A 60 13.55 1.20 -7.19
N GLU A 61 13.48 0.21 -8.07
CA GLU A 61 13.45 -1.19 -7.70
C GLU A 61 14.59 -1.53 -6.75
N GLU A 62 14.26 -2.22 -5.67
CA GLU A 62 15.24 -2.70 -4.70
C GLU A 62 15.12 -4.20 -4.49
N ALA A 63 16.22 -4.83 -4.08
CA ALA A 63 16.18 -6.21 -3.58
C ALA A 63 15.35 -6.23 -2.29
N LEU A 64 14.65 -7.33 -2.03
CA LEU A 64 13.69 -7.32 -0.94
C LEU A 64 13.94 -8.39 0.10
N PRO A 65 13.58 -8.11 1.36
CA PRO A 65 13.59 -9.15 2.40
C PRO A 65 12.59 -10.23 2.02
N ASN A 66 12.81 -11.44 2.51
CA ASN A 66 12.06 -12.60 2.06
C ASN A 66 10.53 -12.39 2.03
N LYS A 67 10.00 -11.58 2.93
CA LYS A 67 8.57 -11.31 2.86
C LYS A 67 8.15 -10.04 3.59
N PRO A 68 7.09 -9.39 3.09
CA PRO A 68 6.51 -8.25 3.79
C PRO A 68 6.11 -8.59 5.21
N LEU A 69 5.88 -7.56 6.00
CA LEU A 69 5.30 -7.73 7.31
C LEU A 69 3.80 -7.96 7.13
N TYR A 70 3.20 -7.17 6.26
CA TYR A 70 1.77 -7.21 6.03
C TYR A 70 1.45 -7.07 4.56
N LYS A 71 0.26 -7.52 4.19
CA LYS A 71 -0.23 -7.39 2.84
C LYS A 71 -1.61 -6.74 2.89
N ILE A 72 -1.75 -5.64 2.16
CA ILE A 72 -3.00 -4.92 2.04
C ILE A 72 -3.70 -5.20 0.68
N PHE A 73 -4.89 -5.79 0.74
CA PHE A 73 -5.67 -6.03 -0.46
C PHE A 73 -6.74 -4.97 -0.62
N ILE A 74 -6.57 -4.13 -1.63
CA ILE A 74 -7.52 -3.08 -1.91
C ILE A 74 -8.45 -3.55 -3.02
N ASP A 75 -9.70 -3.76 -2.65
CA ASP A 75 -10.68 -4.32 -3.55
C ASP A 75 -11.58 -3.20 -4.04
N LEU A 76 -11.35 -2.74 -5.26
CA LEU A 76 -12.24 -1.77 -5.89
C LEU A 76 -13.33 -2.55 -6.62
N ASN A 77 -14.18 -1.84 -7.36
CA ASN A 77 -15.28 -2.47 -8.07
C ASN A 77 -14.80 -3.64 -8.95
N SER A 78 -14.00 -3.34 -9.97
CA SER A 78 -13.52 -4.36 -10.89
C SER A 78 -12.09 -4.81 -10.58
N GLU A 79 -11.24 -3.84 -10.27
CA GLU A 79 -9.81 -4.07 -10.04
C GLU A 79 -9.47 -4.45 -8.60
N LYS A 80 -8.34 -5.12 -8.43
CA LYS A 80 -7.75 -5.31 -7.10
C LYS A 80 -6.28 -4.87 -7.10
N TYR A 81 -5.88 -4.13 -6.07
CA TYR A 81 -4.48 -3.76 -5.95
C TYR A 81 -3.90 -4.31 -4.65
N VAL A 82 -2.59 -4.41 -4.62
CA VAL A 82 -1.90 -4.97 -3.49
C VAL A 82 -0.86 -3.98 -3.01
N ILE A 83 -0.77 -3.79 -1.70
CA ILE A 83 0.33 -3.06 -1.12
C ILE A 83 1.09 -3.97 -0.14
N ASP A 84 2.37 -4.20 -0.39
CA ASP A 84 3.16 -5.00 0.54
C ASP A 84 3.84 -4.05 1.53
N ILE A 85 3.73 -4.35 2.82
CA ILE A 85 4.34 -3.50 3.85
C ILE A 85 5.65 -4.09 4.41
N TYR A 86 6.76 -3.38 4.22
CA TYR A 86 8.05 -3.80 4.79
C TYR A 86 8.50 -2.89 5.94
N GLY A 87 9.72 -3.10 6.39
CA GLY A 87 10.29 -2.27 7.44
C GLY A 87 10.71 -0.91 6.91
N ASP A 88 11.04 0.00 7.83
CA ASP A 88 11.57 1.31 7.48
C ASP A 88 10.68 2.14 6.58
N ASP A 89 9.38 1.86 6.59
CA ASP A 89 8.40 2.65 5.84
C ASP A 89 8.52 2.44 4.33
N LEU A 90 9.16 1.34 3.95
CA LEU A 90 9.19 0.89 2.57
C LEU A 90 7.93 0.08 2.24
N ILE A 91 7.30 0.37 1.10
CA ILE A 91 6.16 -0.41 0.64
C ILE A 91 6.29 -0.66 -0.86
N THR A 92 5.56 -1.64 -1.37
CA THR A 92 5.42 -1.84 -2.81
C THR A 92 3.94 -1.86 -3.14
N LEU A 93 3.62 -1.56 -4.39
CA LEU A 93 2.24 -1.35 -4.80
C LEU A 93 2.09 -1.81 -6.24
N TYR A 94 1.07 -2.64 -6.50
CA TYR A 94 0.91 -3.24 -7.81
C TYR A 94 -0.49 -3.85 -7.97
N PRO A 95 -0.95 -4.01 -9.23
CA PRO A 95 -2.25 -4.68 -9.41
C PRO A 95 -2.09 -6.13 -9.03
N TRP A 96 -3.17 -6.74 -8.53
CA TRP A 96 -3.09 -8.07 -7.94
C TRP A 96 -2.61 -9.14 -8.92
N ASP A 97 -2.88 -8.92 -10.20
CA ASP A 97 -2.60 -9.92 -11.22
C ASP A 97 -1.40 -9.53 -12.09
N SER A 98 -0.64 -8.51 -11.68
CA SER A 98 0.55 -8.21 -12.44
C SER A 98 1.62 -7.54 -11.62
N ASP A 99 2.59 -8.34 -11.22
CA ASP A 99 3.64 -7.89 -10.32
C ASP A 99 5.00 -7.95 -11.01
N VAL A 100 5.02 -7.90 -12.34
CA VAL A 100 6.30 -7.93 -13.03
C VAL A 100 7.10 -6.68 -12.68
N ARG A 101 6.40 -5.58 -12.45
CA ARG A 101 7.06 -4.34 -12.07
C ARG A 101 6.22 -3.57 -11.07
N LYS A 102 6.62 -3.68 -9.81
CA LYS A 102 5.92 -3.01 -8.73
C LYS A 102 6.36 -1.56 -8.65
N ASP A 103 5.48 -0.69 -8.15
CA ASP A 103 5.87 0.62 -7.64
C ASP A 103 6.63 0.47 -6.30
N TYR A 104 7.67 1.28 -6.10
CA TYR A 104 8.38 1.27 -4.83
C TYR A 104 8.30 2.65 -4.22
N LEU A 105 7.88 2.72 -2.96
CA LEU A 105 7.77 3.99 -2.28
C LEU A 105 8.45 3.91 -0.91
N SER A 106 9.14 4.99 -0.54
CA SER A 106 9.54 5.22 0.84
C SER A 106 8.59 6.23 1.46
N LEU A 107 8.13 5.95 2.68
CA LEU A 107 7.10 6.78 3.33
C LEU A 107 7.63 7.55 4.52
N LYS A 108 8.92 7.81 4.57
CA LYS A 108 9.47 8.48 5.74
C LYS A 108 8.95 9.92 5.93
N ASP A 109 8.74 10.64 4.84
CA ASP A 109 8.34 12.06 4.98
C ASP A 109 6.82 12.28 5.06
N ILE A 110 6.00 11.25 4.90
CA ILE A 110 4.56 11.48 4.85
C ILE A 110 4.02 11.65 6.27
N PRO A 111 2.84 12.27 6.40
CA PRO A 111 2.32 12.50 7.76
C PRO A 111 2.20 11.21 8.58
N ASN A 112 2.47 11.31 9.89
CA ASN A 112 2.51 10.14 10.77
C ASN A 112 1.23 9.32 10.74
N SER A 113 0.09 9.99 10.63
CA SER A 113 -1.21 9.34 10.59
C SER A 113 -1.34 8.29 9.48
N PHE A 114 -0.70 8.55 8.34
CA PHE A 114 -0.84 7.69 7.18
C PHE A 114 0.32 6.68 7.02
N LYS A 115 1.18 6.53 8.02
CA LYS A 115 2.20 5.47 7.95
C LYS A 115 1.51 4.10 7.99
N LEU A 116 1.90 3.18 7.11
CA LEU A 116 1.15 1.94 6.95
C LEU A 116 1.50 0.82 7.92
N GLU A 117 2.77 0.66 8.29
CA GLU A 117 3.12 -0.37 9.27
C GLU A 117 2.42 -0.14 10.65
N PRO A 118 2.43 1.12 11.18
CA PRO A 118 1.71 1.25 12.45
C PRO A 118 0.20 1.21 12.28
N PHE A 119 -0.28 1.57 11.09
CA PHE A 119 -1.70 1.40 10.75
C PHE A 119 -2.13 -0.07 10.81
N CYS A 120 -1.33 -0.96 10.23
CA CYS A 120 -1.69 -2.37 10.19
C CYS A 120 -1.72 -2.97 11.59
N GLN A 121 -0.77 -2.59 12.45
CA GLN A 121 -0.73 -3.14 13.81
C GLN A 121 -1.96 -2.67 14.57
N TYR A 122 -2.38 -1.44 14.27
CA TYR A 122 -3.54 -0.85 14.91
C TYR A 122 -4.86 -1.54 14.51
N VAL A 123 -5.03 -1.86 13.23
CA VAL A 123 -6.27 -2.53 12.81
C VAL A 123 -6.41 -3.89 13.49
N PHE A 124 -5.30 -4.62 13.55
CA PHE A 124 -5.27 -5.92 14.21
C PHE A 124 -5.50 -5.85 15.73
N ASN A 125 -5.00 -4.81 16.38
CA ASN A 125 -5.10 -4.76 17.84
C ASN A 125 -6.51 -4.35 18.25
N LYS A 126 -7.12 -3.54 17.40
CA LYS A 126 -8.55 -3.27 17.49
C LYS A 126 -9.35 -4.58 17.53
C1 GOL B . -0.69 10.57 -6.24
O1 GOL B . -1.32 9.62 -5.40
C2 GOL B . -0.41 9.93 -7.60
O2 GOL B . -1.24 10.51 -8.58
C3 GOL B . 1.06 10.16 -7.97
O3 GOL B . 1.36 9.47 -9.16
#